data_6U58
#
_entry.id   6U58
#
_cell.length_a   73.543
_cell.length_b   73.543
_cell.length_c   99.721
_cell.angle_alpha   90.00
_cell.angle_beta   90.00
_cell.angle_gamma   120.00
#
_symmetry.space_group_name_H-M   'P 32 2 1'
#
loop_
_entity.id
_entity.type
_entity.pdbx_description
1 polymer Beta-lactamase
2 non-polymer 'SULFATE ION'
3 water water
#
_entity_poly.entity_id   1
_entity_poly.type   'polypeptide(L)'
_entity_poly.pdbx_seq_one_letter_code
;NSVQQQLEALEKSSGGRLGVALINTADNSQILYRADERFAMCSTSKVMAAAAVLKQSESDKHLLNQRVEIKKSDLVNYNP
IAEKHVNGTMTLAELGAAALQYSDNTAMNKLIAHLGGPDKVTAFARSLGDETFRLDRTQPTLNTAIPGDPRDTTTPLAMA
QTLKNLTLGKALAETQRAQLVTWLKGNTTGSASIRAGLPKSWVVGDKTGSGDYGTTNDIAVIWPENHAPLVLVTYFTQPE
QKAENRNDILAAAAKIVTHGF
;
_entity_poly.pdbx_strand_id   A
#
loop_
_chem_comp.id
_chem_comp.type
_chem_comp.name
_chem_comp.formula
SO4 non-polymer 'SULFATE ION' 'O4 S -2'
#
# COMPACT_ATOMS: atom_id res chain seq x y z
N ASN A 1 -22.57 17.35 -12.22
CA ASN A 1 -21.64 16.77 -11.25
C ASN A 1 -20.85 15.57 -11.87
N SER A 2 -19.79 15.82 -12.65
CA SER A 2 -18.89 14.76 -13.12
C SER A 2 -18.01 14.28 -11.95
N VAL A 3 -17.28 13.20 -12.21
CA VAL A 3 -16.44 12.59 -11.18
C VAL A 3 -15.38 13.59 -10.74
N GLN A 4 -14.77 14.24 -11.72
CA GLN A 4 -13.72 15.19 -11.46
C GLN A 4 -14.19 16.31 -10.56
N GLN A 5 -15.36 16.86 -10.87
CA GLN A 5 -15.93 17.94 -10.06
C GLN A 5 -16.23 17.45 -8.69
N GLN A 6 -16.65 16.19 -8.56
CA GLN A 6 -17.01 15.70 -7.24
C GLN A 6 -15.75 15.54 -6.40
N LEU A 7 -14.67 15.07 -7.02
CA LEU A 7 -13.43 14.91 -6.28
C LEU A 7 -12.85 16.28 -5.88
N GLU A 8 -12.93 17.28 -6.75
CA GLU A 8 -12.42 18.62 -6.45
C GLU A 8 -13.15 19.23 -5.26
N ALA A 9 -14.44 19.00 -5.22
CA ALA A 9 -15.26 19.51 -4.13
C ALA A 9 -14.95 18.79 -2.82
N LEU A 10 -14.70 17.50 -2.89
CA LEU A 10 -14.33 16.74 -1.71
C LEU A 10 -12.98 17.20 -1.13
N GLU A 11 -12.01 17.39 -2.02
CA GLU A 11 -10.70 17.88 -1.65
C GLU A 11 -10.83 19.26 -1.02
N LYS A 12 -11.62 20.12 -1.65
CA LYS A 12 -11.73 21.50 -1.18
C LYS A 12 -12.34 21.58 0.22
N SER A 13 -13.41 20.84 0.47
CA SER A 13 -14.02 20.87 1.80
CA SER A 13 -14.03 20.88 1.80
C SER A 13 -13.17 20.17 2.83
N SER A 14 -12.42 19.14 2.41
CA SER A 14 -11.53 18.42 3.32
C SER A 14 -10.38 19.28 3.82
N GLY A 15 -10.01 20.31 3.09
CA GLY A 15 -8.84 21.05 3.50
C GLY A 15 -7.47 20.46 3.17
N GLY A 16 -7.40 19.36 2.42
CA GLY A 16 -6.11 18.83 2.04
C GLY A 16 -5.87 18.68 0.57
N ARG A 17 -5.02 17.71 0.25
CA ARG A 17 -4.62 17.32 -1.10
C ARG A 17 -4.91 15.83 -1.27
N LEU A 18 -5.67 15.52 -2.29
CA LEU A 18 -6.17 14.18 -2.59
C LEU A 18 -5.59 13.71 -3.90
N GLY A 19 -5.19 12.45 -3.94
CA GLY A 19 -4.64 11.89 -5.18
C GLY A 19 -5.36 10.55 -5.41
N VAL A 20 -5.89 10.31 -6.58
CA VAL A 20 -6.69 9.12 -6.89
C VAL A 20 -6.24 8.58 -8.22
N ALA A 21 -6.09 7.25 -8.32
CA ALA A 21 -5.93 6.62 -9.61
C ALA A 21 -6.70 5.30 -9.56
N LEU A 22 -7.66 5.17 -10.47
CA LEU A 22 -8.48 3.98 -10.66
C LEU A 22 -8.13 3.45 -12.04
N ILE A 23 -7.78 2.15 -12.10
CA ILE A 23 -7.64 1.43 -13.39
C ILE A 23 -8.76 0.39 -13.49
N ASN A 24 -9.53 0.47 -14.54
CA ASN A 24 -10.55 -0.51 -14.82
C ASN A 24 -9.98 -1.53 -15.78
N THR A 25 -9.71 -2.78 -15.33
CA THR A 25 -8.91 -3.69 -16.17
C THR A 25 -9.74 -4.32 -17.30
N ALA A 26 -11.03 -4.08 -17.35
CA ALA A 26 -11.86 -4.53 -18.48
C ALA A 26 -11.45 -3.85 -19.78
N ASP A 27 -11.21 -2.53 -19.76
CA ASP A 27 -10.81 -1.77 -20.96
C ASP A 27 -9.59 -0.87 -20.76
N ASN A 28 -8.86 -1.02 -19.64
CA ASN A 28 -7.72 -0.20 -19.24
C ASN A 28 -8.03 1.29 -19.26
N SER A 29 -9.29 1.60 -19.00
CA SER A 29 -9.66 2.97 -18.78
C SER A 29 -9.27 3.37 -17.36
N GLN A 30 -9.01 4.65 -17.19
CA GLN A 30 -8.47 5.22 -15.96
C GLN A 30 -9.33 6.41 -15.51
N ILE A 31 -9.43 6.57 -14.22
CA ILE A 31 -9.95 7.80 -13.60
C ILE A 31 -8.80 8.35 -12.76
N LEU A 32 -8.37 9.60 -13.04
CA LEU A 32 -7.17 10.17 -12.42
C LEU A 32 -7.47 11.52 -11.77
N TYR A 33 -6.91 11.78 -10.60
CA TYR A 33 -7.02 13.07 -9.93
C TYR A 33 -5.68 13.30 -9.22
N ARG A 34 -4.91 14.29 -9.66
CA ARG A 34 -3.57 14.54 -9.13
C ARG A 34 -2.71 13.28 -9.16
N ALA A 35 -2.89 12.47 -10.19
CA ALA A 35 -2.30 11.13 -10.24
C ALA A 35 -0.82 11.12 -10.58
N ASP A 36 -0.33 12.26 -11.00
CA ASP A 36 1.10 12.38 -11.31
CA ASP A 36 1.02 12.60 -11.41
C ASP A 36 1.81 13.26 -10.29
N GLU A 37 1.21 13.52 -9.14
CA GLU A 37 1.84 14.22 -8.04
C GLU A 37 2.39 13.23 -7.03
N ARG A 38 3.48 13.59 -6.38
CA ARG A 38 4.10 12.76 -5.32
C ARG A 38 3.39 12.91 -4.00
N PHE A 39 3.23 11.81 -3.29
CA PHE A 39 2.63 11.69 -1.98
C PHE A 39 3.52 10.73 -1.21
N ALA A 40 3.64 10.96 0.07
CA ALA A 40 4.25 10.04 0.97
C ALA A 40 3.44 8.74 1.00
N MET A 41 4.12 7.60 0.84
CA MET A 41 3.48 6.32 0.81
C MET A 41 3.08 5.83 2.21
N CYS A 42 3.85 6.22 3.22
CA CYS A 42 3.76 5.65 4.55
C CYS A 42 3.74 4.10 4.43
N SER A 43 2.92 3.42 5.20
CA SER A 43 2.99 1.96 5.21
C SER A 43 2.43 1.30 3.96
N THR A 44 1.90 2.03 2.99
CA THR A 44 1.58 1.32 1.76
C THR A 44 2.84 0.78 1.10
N SER A 45 4.02 1.27 1.48
CA SER A 45 5.27 0.78 0.91
C SER A 45 5.58 -0.65 1.36
N LYS A 46 4.87 -1.15 2.39
CA LYS A 46 5.13 -2.50 2.87
C LYS A 46 4.81 -3.53 1.77
N VAL A 47 3.90 -3.20 0.87
CA VAL A 47 3.59 -4.14 -0.23
C VAL A 47 4.82 -4.41 -1.09
N MET A 48 5.65 -3.38 -1.34
CA MET A 48 6.81 -3.53 -2.23
C MET A 48 7.90 -4.32 -1.55
N ALA A 49 8.03 -4.20 -0.22
CA ALA A 49 9.02 -5.00 0.48
C ALA A 49 8.61 -6.45 0.53
N ALA A 50 7.32 -6.73 0.77
CA ALA A 50 6.87 -8.12 0.76
C ALA A 50 7.03 -8.74 -0.65
N ALA A 51 6.70 -7.98 -1.68
CA ALA A 51 6.77 -8.48 -3.03
C ALA A 51 8.23 -8.76 -3.43
N ALA A 52 9.17 -7.94 -2.97
CA ALA A 52 10.59 -8.16 -3.28
C ALA A 52 11.09 -9.49 -2.73
N VAL A 53 10.65 -9.86 -1.53
CA VAL A 53 10.94 -11.18 -0.95
C VAL A 53 10.23 -12.30 -1.70
N LEU A 54 8.98 -12.10 -2.13
CA LEU A 54 8.35 -13.13 -2.94
C LEU A 54 9.10 -13.34 -4.25
N LYS A 55 9.60 -12.28 -4.85
CA LYS A 55 10.37 -12.42 -6.07
C LYS A 55 11.62 -13.30 -5.83
N GLN A 56 12.32 -13.08 -4.75
CA GLN A 56 13.47 -13.92 -4.41
C GLN A 56 13.08 -15.39 -4.27
N SER A 57 11.90 -15.66 -3.71
CA SER A 57 11.47 -17.04 -3.49
C SER A 57 11.22 -17.77 -4.80
N GLU A 58 11.01 -17.08 -5.89
CA GLU A 58 10.86 -17.74 -7.20
C GLU A 58 12.07 -18.64 -7.56
N SER A 59 13.24 -18.30 -7.09
CA SER A 59 14.46 -19.01 -7.46
C SER A 59 15.10 -19.68 -6.27
N ASP A 60 14.50 -19.56 -5.09
CA ASP A 60 15.01 -20.21 -3.88
C ASP A 60 13.80 -20.77 -3.12
N LYS A 61 13.61 -22.09 -3.23
CA LYS A 61 12.48 -22.86 -2.68
C LYS A 61 12.45 -22.86 -1.15
N HIS A 62 13.56 -22.60 -0.50
CA HIS A 62 13.56 -22.71 0.95
C HIS A 62 13.40 -21.37 1.65
N LEU A 63 13.38 -20.28 0.90
CA LEU A 63 13.52 -18.95 1.48
C LEU A 63 12.38 -18.59 2.43
N LEU A 64 11.14 -18.77 2.02
CA LEU A 64 10.03 -18.32 2.82
C LEU A 64 9.91 -19.06 4.15
N ASN A 65 10.49 -20.22 4.26
CA ASN A 65 10.52 -20.92 5.54
C ASN A 65 11.75 -20.61 6.39
N GLN A 66 12.71 -19.84 5.86
CA GLN A 66 13.82 -19.41 6.68
C GLN A 66 13.32 -18.70 7.95
N ARG A 67 13.94 -19.01 9.10
CA ARG A 67 13.59 -18.42 10.38
C ARG A 67 14.46 -17.20 10.73
N VAL A 68 13.81 -16.26 11.41
CA VAL A 68 14.38 -14.98 11.87
C VAL A 68 14.08 -14.88 13.36
N GLU A 69 15.09 -14.51 14.15
CA GLU A 69 14.94 -14.41 15.59
C GLU A 69 14.38 -13.03 15.92
N ILE A 70 13.37 -12.99 16.79
CA ILE A 70 12.80 -11.72 17.25
C ILE A 70 13.29 -11.52 18.68
N LYS A 71 14.13 -10.48 18.87
CA LYS A 71 14.63 -10.04 20.17
C LYS A 71 13.84 -8.82 20.64
N LYS A 72 13.90 -8.54 21.97
CA LYS A 72 13.27 -7.34 22.51
C LYS A 72 13.79 -6.07 21.83
N SER A 73 15.06 -6.07 21.40
CA SER A 73 15.71 -4.93 20.76
C SER A 73 15.16 -4.62 19.37
N ASP A 74 14.48 -5.59 18.72
CA ASP A 74 13.97 -5.42 17.36
C ASP A 74 12.65 -4.65 17.31
N LEU A 75 11.96 -4.56 18.44
CA LEU A 75 10.65 -3.91 18.47
C LEU A 75 10.80 -2.40 18.31
N VAL A 76 9.99 -1.80 17.43
CA VAL A 76 9.92 -0.36 17.28
C VAL A 76 8.60 0.05 17.95
N ASN A 77 7.79 0.86 17.28
CA ASN A 77 6.62 1.49 17.91
C ASN A 77 5.32 0.63 17.85
N TYR A 78 5.07 -0.08 16.74
CA TYR A 78 3.77 -0.74 16.47
C TYR A 78 4.06 -2.14 15.93
N ASN A 79 4.01 -3.15 16.80
CA ASN A 79 4.46 -4.51 16.48
C ASN A 79 3.49 -5.53 17.07
N PRO A 80 2.24 -5.49 16.63
CA PRO A 80 1.21 -6.37 17.25
C PRO A 80 1.46 -7.87 17.12
N ILE A 81 2.15 -8.31 16.07
CA ILE A 81 2.46 -9.72 15.87
C ILE A 81 3.86 -10.06 16.36
N ALA A 82 4.86 -9.22 16.05
CA ALA A 82 6.23 -9.57 16.47
C ALA A 82 6.36 -9.60 17.98
N GLU A 83 5.64 -8.73 18.72
CA GLU A 83 5.76 -8.77 20.18
C GLU A 83 5.29 -10.13 20.75
N LYS A 84 4.34 -10.79 20.09
CA LYS A 84 3.95 -12.15 20.52
C LYS A 84 5.00 -13.20 20.25
N HIS A 85 6.17 -12.86 19.65
CA HIS A 85 7.16 -13.89 19.32
C HIS A 85 8.53 -13.50 19.84
N VAL A 86 8.58 -12.57 20.80
CA VAL A 86 9.84 -12.14 21.36
C VAL A 86 10.54 -13.31 22.05
N ASN A 87 11.86 -13.35 21.87
CA ASN A 87 12.77 -14.48 22.08
C ASN A 87 12.55 -15.59 21.07
N GLY A 88 11.36 -15.72 20.48
CA GLY A 88 11.09 -16.71 19.44
C GLY A 88 11.67 -16.48 18.05
N THR A 89 11.10 -17.20 17.08
CA THR A 89 11.41 -17.00 15.67
C THR A 89 10.11 -16.81 14.89
N MET A 90 10.28 -16.15 13.73
CA MET A 90 9.29 -16.06 12.68
C MET A 90 9.96 -16.35 11.34
N THR A 91 9.23 -17.06 10.47
CA THR A 91 9.65 -17.25 9.09
C THR A 91 9.47 -15.97 8.29
N LEU A 92 10.23 -15.86 7.18
CA LEU A 92 10.00 -14.76 6.26
C LEU A 92 8.56 -14.70 5.75
N ALA A 93 7.90 -15.83 5.55
CA ALA A 93 6.48 -15.80 5.16
C ALA A 93 5.61 -15.22 6.25
N GLU A 94 5.88 -15.58 7.52
CA GLU A 94 5.11 -14.98 8.60
C GLU A 94 5.38 -13.48 8.75
N LEU A 95 6.59 -13.03 8.48
CA LEU A 95 6.89 -11.59 8.51
C LEU A 95 6.15 -10.86 7.39
N GLY A 96 6.12 -11.45 6.19
CA GLY A 96 5.35 -10.87 5.09
C GLY A 96 3.92 -10.69 5.45
N ALA A 97 3.32 -11.75 5.99
CA ALA A 97 1.92 -11.71 6.40
C ALA A 97 1.66 -10.67 7.48
N ALA A 98 2.53 -10.59 8.47
CA ALA A 98 2.34 -9.65 9.56
C ALA A 98 2.50 -8.21 9.09
N ALA A 99 3.47 -7.98 8.21
CA ALA A 99 3.69 -6.63 7.68
C ALA A 99 2.46 -6.17 6.91
N LEU A 100 1.82 -7.04 6.16
CA LEU A 100 0.74 -6.60 5.31
C LEU A 100 -0.59 -6.58 6.02
N GLN A 101 -0.88 -7.63 6.79
CA GLN A 101 -2.22 -7.82 7.32
C GLN A 101 -2.46 -7.06 8.63
N TYR A 102 -1.39 -6.75 9.38
CA TYR A 102 -1.44 -6.00 10.62
C TYR A 102 -0.60 -4.73 10.54
N SER A 103 0.10 -4.52 9.43
CA SER A 103 1.01 -3.35 9.33
C SER A 103 2.10 -3.37 10.42
N ASP A 104 2.58 -4.56 10.75
CA ASP A 104 3.57 -4.68 11.81
C ASP A 104 4.89 -4.08 11.37
N ASN A 105 5.41 -3.13 12.19
CA ASN A 105 6.59 -2.37 11.75
C ASN A 105 7.85 -3.13 11.98
N THR A 106 7.88 -3.96 13.02
CA THR A 106 9.06 -4.79 13.19
C THR A 106 9.20 -5.73 12.02
N ALA A 107 8.08 -6.32 11.59
CA ALA A 107 8.09 -7.21 10.44
C ALA A 107 8.66 -6.52 9.18
N MET A 108 8.23 -5.31 8.89
CA MET A 108 8.76 -4.58 7.74
CA MET A 108 8.77 -4.60 7.72
C MET A 108 10.27 -4.38 7.84
N ASN A 109 10.77 -3.96 9.01
CA ASN A 109 12.20 -3.68 9.13
C ASN A 109 13.04 -4.94 8.97
N LYS A 110 12.53 -6.08 9.43
CA LYS A 110 13.22 -7.34 9.22
C LYS A 110 13.28 -7.69 7.76
N LEU A 111 12.20 -7.43 7.01
CA LEU A 111 12.20 -7.75 5.61
C LEU A 111 13.23 -6.89 4.88
N ILE A 112 13.28 -5.60 5.23
CA ILE A 112 14.25 -4.70 4.65
C ILE A 112 15.67 -5.13 5.01
N ALA A 113 15.90 -5.51 6.25
CA ALA A 113 17.24 -5.95 6.63
C ALA A 113 17.64 -7.19 5.89
N HIS A 114 16.71 -8.12 5.69
CA HIS A 114 17.00 -9.29 4.89
C HIS A 114 17.39 -8.93 3.47
N LEU A 115 16.67 -7.96 2.86
CA LEU A 115 16.95 -7.60 1.46
C LEU A 115 18.24 -6.82 1.30
N GLY A 116 18.73 -6.20 2.35
CA GLY A 116 19.93 -5.40 2.30
C GLY A 116 19.72 -3.91 2.30
N GLY A 117 18.55 -3.42 2.65
CA GLY A 117 18.33 -1.98 2.74
C GLY A 117 17.24 -1.44 1.84
N PRO A 118 16.80 -0.20 2.12
CA PRO A 118 15.70 0.40 1.33
C PRO A 118 16.05 0.60 -0.15
N ASP A 119 17.32 0.80 -0.47
CA ASP A 119 17.73 0.94 -1.86
C ASP A 119 17.48 -0.35 -2.64
N LYS A 120 17.50 -1.49 -1.95
CA LYS A 120 17.20 -2.75 -2.65
C LYS A 120 15.72 -2.87 -2.99
N VAL A 121 14.84 -2.29 -2.17
CA VAL A 121 13.42 -2.25 -2.53
C VAL A 121 13.18 -1.34 -3.73
N THR A 122 13.83 -0.17 -3.74
CA THR A 122 13.75 0.69 -4.92
C THR A 122 14.23 -0.01 -6.19
N ALA A 123 15.32 -0.75 -6.11
CA ALA A 123 15.84 -1.45 -7.28
C ALA A 123 14.87 -2.53 -7.75
N PHE A 124 14.17 -3.18 -6.82
CA PHE A 124 13.10 -4.11 -7.20
C PHE A 124 12.04 -3.39 -7.98
N ALA A 125 11.57 -2.25 -7.47
CA ALA A 125 10.55 -1.49 -8.18
C ALA A 125 10.99 -1.11 -9.59
N ARG A 126 12.25 -0.69 -9.71
CA ARG A 126 12.75 -0.33 -11.05
C ARG A 126 12.73 -1.53 -12.02
N SER A 127 13.01 -2.72 -11.50
CA SER A 127 12.98 -3.95 -12.31
C SER A 127 11.58 -4.25 -12.82
N LEU A 128 10.56 -3.69 -12.17
CA LEU A 128 9.19 -3.83 -12.65
C LEU A 128 8.79 -2.71 -13.59
N GLY A 129 9.68 -1.80 -13.94
CA GLY A 129 9.28 -0.71 -14.77
C GLY A 129 8.75 0.49 -14.03
N ASP A 130 8.78 0.47 -12.71
CA ASP A 130 8.29 1.58 -11.91
C ASP A 130 9.48 2.51 -11.72
N GLU A 131 9.44 3.62 -12.37
CA GLU A 131 10.50 4.64 -12.36
C GLU A 131 10.28 5.73 -11.31
N THR A 132 9.19 5.65 -10.55
CA THR A 132 8.68 6.69 -9.68
C THR A 132 8.90 6.39 -8.21
N PHE A 133 8.54 5.18 -7.79
CA PHE A 133 8.70 4.68 -6.45
C PHE A 133 10.11 4.94 -5.95
N ARG A 134 10.21 5.44 -4.75
CA ARG A 134 11.47 5.44 -4.06
C ARG A 134 11.25 5.17 -2.57
N LEU A 135 12.04 4.27 -2.04
CA LEU A 135 12.10 4.02 -0.62
C LEU A 135 13.47 4.44 -0.09
N ASP A 136 13.48 5.30 0.91
CA ASP A 136 14.69 5.93 1.44
C ASP A 136 14.97 5.57 2.88
N ARG A 137 13.93 5.38 3.70
CA ARG A 137 14.11 5.14 5.13
C ARG A 137 13.36 3.89 5.58
N THR A 138 13.57 3.51 6.83
CA THR A 138 12.85 2.40 7.45
C THR A 138 11.73 2.90 8.38
N GLN A 139 11.03 1.96 9.03
CA GLN A 139 10.06 2.36 10.05
C GLN A 139 10.78 2.75 11.34
N PRO A 140 10.28 3.78 12.03
CA PRO A 140 9.02 4.50 11.80
C PRO A 140 9.24 5.81 11.03
N THR A 141 10.50 6.17 10.69
CA THR A 141 10.73 7.50 10.12
C THR A 141 10.26 7.65 8.68
N LEU A 142 9.96 6.57 7.93
CA LEU A 142 9.36 6.81 6.60
C LEU A 142 7.93 7.36 6.68
N ASN A 143 7.30 7.58 7.87
CA ASN A 143 5.97 8.20 8.02
C ASN A 143 5.98 9.72 8.32
N THR A 144 7.12 10.40 8.17
CA THR A 144 7.13 11.83 8.51
C THR A 144 6.26 12.64 7.53
N ALA A 145 6.20 12.22 6.27
CA ALA A 145 5.28 12.76 5.28
C ALA A 145 5.33 14.30 5.21
N ILE A 146 6.52 14.85 5.24
CA ILE A 146 6.72 16.31 5.20
C ILE A 146 6.34 16.83 3.82
N PRO A 147 5.50 17.87 3.70
CA PRO A 147 5.17 18.42 2.38
C PRO A 147 6.40 18.82 1.59
N GLY A 148 6.45 18.39 0.33
CA GLY A 148 7.57 18.66 -0.56
C GLY A 148 8.77 17.77 -0.43
N ASP A 149 8.84 16.90 0.58
CA ASP A 149 9.95 15.99 0.78
C ASP A 149 9.77 14.83 -0.21
N PRO A 150 10.73 14.60 -1.12
CA PRO A 150 10.60 13.48 -2.07
C PRO A 150 10.84 12.12 -1.44
N ARG A 151 11.43 12.03 -0.26
CA ARG A 151 11.78 10.74 0.30
C ARG A 151 10.53 9.89 0.52
N ASP A 152 10.63 8.60 0.23
CA ASP A 152 9.56 7.64 0.52
C ASP A 152 8.22 8.04 -0.10
N THR A 153 8.27 8.46 -1.37
CA THR A 153 7.10 8.87 -2.11
C THR A 153 6.94 8.02 -3.36
N THR A 154 5.75 8.12 -3.91
CA THR A 154 5.45 7.72 -5.26
C THR A 154 4.26 8.56 -5.73
N THR A 155 3.73 8.28 -6.89
CA THR A 155 2.54 8.92 -7.42
C THR A 155 1.39 7.92 -7.47
N PRO A 156 0.14 8.41 -7.48
CA PRO A 156 -1.02 7.46 -7.51
C PRO A 156 -1.02 6.60 -8.73
N LEU A 157 -0.66 7.18 -9.87
CA LEU A 157 -0.68 6.44 -11.12
C LEU A 157 0.42 5.38 -11.19
N ALA A 158 1.61 5.71 -10.71
CA ALA A 158 2.67 4.72 -10.72
C ALA A 158 2.31 3.57 -9.81
N MET A 159 1.77 3.89 -8.65
CA MET A 159 1.47 2.82 -7.70
C MET A 159 0.28 1.97 -8.19
N ALA A 160 -0.68 2.58 -8.88
CA ALA A 160 -1.81 1.81 -9.43
C ALA A 160 -1.31 0.83 -10.51
N GLN A 161 -0.39 1.30 -11.37
CA GLN A 161 0.17 0.44 -12.41
CA GLN A 161 0.21 0.46 -12.42
C GLN A 161 0.99 -0.68 -11.81
N THR A 162 1.83 -0.38 -10.85
CA THR A 162 2.63 -1.40 -10.18
C THR A 162 1.79 -2.40 -9.42
N LEU A 163 0.74 -1.96 -8.69
CA LEU A 163 -0.11 -2.87 -7.95
C LEU A 163 -0.90 -3.79 -8.91
N LYS A 164 -1.32 -3.27 -10.08
CA LYS A 164 -1.92 -4.11 -11.10
C LYS A 164 -0.92 -5.17 -11.59
N ASN A 165 0.30 -4.75 -11.88
CA ASN A 165 1.32 -5.69 -12.36
CA ASN A 165 1.34 -5.67 -12.35
C ASN A 165 1.62 -6.75 -11.30
N LEU A 166 1.71 -6.35 -10.03
CA LEU A 166 1.97 -7.30 -8.96
C LEU A 166 0.84 -8.31 -8.73
N THR A 167 -0.42 -7.87 -8.72
CA THR A 167 -1.50 -8.74 -8.30
C THR A 167 -2.22 -9.44 -9.43
N LEU A 168 -2.17 -8.90 -10.61
CA LEU A 168 -2.96 -9.35 -11.75
C LEU A 168 -2.12 -9.59 -13.00
N GLY A 169 -0.88 -9.14 -13.03
CA GLY A 169 -0.07 -9.05 -14.21
C GLY A 169 1.23 -9.85 -14.10
N LYS A 170 2.26 -9.34 -14.79
CA LYS A 170 3.47 -10.06 -15.16
C LYS A 170 4.53 -10.10 -14.07
N ALA A 171 4.36 -9.36 -12.98
CA ALA A 171 5.52 -9.08 -12.13
C ALA A 171 6.03 -10.30 -11.38
N LEU A 172 5.13 -11.14 -10.90
CA LEU A 172 5.49 -12.30 -10.11
C LEU A 172 5.00 -13.54 -10.81
N ALA A 173 5.68 -14.65 -10.58
CA ALA A 173 5.18 -15.95 -11.02
C ALA A 173 3.92 -16.32 -10.25
N GLU A 174 3.13 -17.28 -10.79
CA GLU A 174 1.77 -17.49 -10.33
C GLU A 174 1.67 -17.80 -8.86
N THR A 175 2.49 -18.68 -8.32
CA THR A 175 2.36 -19.06 -6.91
C THR A 175 2.63 -17.87 -5.99
N GLN A 176 3.59 -17.04 -6.39
CA GLN A 176 3.93 -15.87 -5.61
C GLN A 176 2.86 -14.78 -5.75
N ARG A 177 2.33 -14.63 -6.96
CA ARG A 177 1.24 -13.67 -7.20
C ARG A 177 0.06 -14.01 -6.31
N ALA A 178 -0.31 -15.30 -6.29
CA ALA A 178 -1.43 -15.80 -5.51
C ALA A 178 -1.21 -15.59 -4.02
N GLN A 179 0.02 -15.73 -3.56
CA GLN A 179 0.34 -15.55 -2.15
C GLN A 179 0.20 -14.08 -1.76
N LEU A 180 0.68 -13.18 -2.63
CA LEU A 180 0.52 -11.76 -2.34
C LEU A 180 -0.96 -11.38 -2.26
N VAL A 181 -1.76 -11.88 -3.19
CA VAL A 181 -3.20 -11.57 -3.21
C VAL A 181 -3.89 -12.10 -1.97
N THR A 182 -3.48 -13.29 -1.53
CA THR A 182 -4.01 -13.87 -0.30
C THR A 182 -3.72 -13.00 0.91
N TRP A 183 -2.49 -12.52 1.02
CA TRP A 183 -2.15 -11.61 2.11
C TRP A 183 -2.99 -10.32 2.08
N LEU A 184 -3.14 -9.70 0.89
CA LEU A 184 -3.86 -8.43 0.81
C LEU A 184 -5.35 -8.61 1.17
N LYS A 185 -5.92 -9.71 0.72
CA LYS A 185 -7.31 -10.01 1.03
C LYS A 185 -7.55 -10.23 2.50
N GLY A 186 -6.58 -10.71 3.20
CA GLY A 186 -6.63 -10.91 4.65
C GLY A 186 -6.32 -9.69 5.49
N ASN A 187 -6.18 -8.50 4.88
CA ASN A 187 -5.82 -7.33 5.66
C ASN A 187 -6.87 -7.08 6.76
N THR A 188 -6.42 -6.69 7.94
CA THR A 188 -7.34 -6.37 9.05
C THR A 188 -7.52 -4.88 9.32
N THR A 189 -6.75 -3.98 8.68
CA THR A 189 -6.69 -2.56 9.00
C THR A 189 -7.52 -1.64 8.11
N GLY A 190 -8.17 -2.16 7.07
CA GLY A 190 -8.78 -1.27 6.10
C GLY A 190 -10.29 -1.14 6.10
N SER A 191 -10.98 -1.52 7.21
CA SER A 191 -12.43 -1.58 7.19
C SER A 191 -13.07 -0.23 6.95
N ALA A 192 -12.46 0.85 7.43
CA ALA A 192 -13.03 2.18 7.34
C ALA A 192 -12.51 3.01 6.17
N SER A 193 -11.60 2.47 5.35
CA SER A 193 -11.00 3.15 4.21
C SER A 193 -11.73 2.77 2.92
N ILE A 194 -11.03 2.42 1.84
CA ILE A 194 -11.69 2.14 0.56
C ILE A 194 -12.88 1.20 0.73
N ARG A 195 -12.66 0.09 1.46
CA ARG A 195 -13.71 -0.93 1.63
C ARG A 195 -15.06 -0.35 2.07
N ALA A 196 -15.03 0.71 2.87
CA ALA A 196 -16.27 1.30 3.40
C ALA A 196 -17.03 2.07 2.34
N GLY A 197 -16.40 2.43 1.25
CA GLY A 197 -17.08 3.09 0.16
C GLY A 197 -17.59 2.21 -0.96
N LEU A 198 -17.52 0.91 -0.82
CA LEU A 198 -17.86 -0.05 -1.86
C LEU A 198 -19.01 -0.94 -1.42
N PRO A 199 -19.70 -1.56 -2.39
CA PRO A 199 -20.71 -2.56 -2.06
C PRO A 199 -20.12 -3.64 -1.19
N LYS A 200 -20.92 -4.12 -0.25
CA LYS A 200 -20.37 -4.97 0.78
C LYS A 200 -20.02 -6.38 0.29
N SER A 201 -20.53 -6.76 -0.88
CA SER A 201 -20.29 -8.09 -1.42
C SER A 201 -19.05 -8.17 -2.32
N TRP A 202 -18.47 -7.03 -2.74
CA TRP A 202 -17.23 -7.04 -3.49
C TRP A 202 -16.07 -7.52 -2.61
N VAL A 203 -15.15 -8.20 -3.24
CA VAL A 203 -13.97 -8.74 -2.55
C VAL A 203 -12.83 -7.76 -2.75
N VAL A 204 -12.15 -7.41 -1.67
CA VAL A 204 -11.16 -6.35 -1.68
C VAL A 204 -9.88 -6.88 -1.04
N GLY A 205 -8.75 -6.61 -1.67
CA GLY A 205 -7.46 -6.78 -1.00
C GLY A 205 -6.87 -5.38 -0.93
N ASP A 206 -6.34 -5.00 0.23
CA ASP A 206 -5.82 -3.65 0.36
C ASP A 206 -4.67 -3.56 1.35
N LYS A 207 -3.96 -2.43 1.27
CA LYS A 207 -2.95 -2.09 2.26
C LYS A 207 -3.12 -0.60 2.60
N THR A 208 -3.31 -0.30 3.87
CA THR A 208 -3.42 1.07 4.36
C THR A 208 -2.06 1.65 4.68
N GLY A 209 -2.07 2.96 4.89
CA GLY A 209 -0.93 3.59 5.50
C GLY A 209 -1.27 4.96 6.04
N SER A 210 -0.76 5.32 7.20
CA SER A 210 -1.05 6.62 7.75
CA SER A 210 -1.07 6.58 7.84
C SER A 210 0.22 7.19 8.38
N GLY A 211 0.26 8.48 8.46
CA GLY A 211 1.46 9.08 9.03
C GLY A 211 1.18 10.50 9.46
N ASP A 212 2.26 11.27 9.63
CA ASP A 212 2.11 12.68 10.01
C ASP A 212 1.49 13.50 8.87
N TYR A 213 1.16 14.74 9.19
CA TYR A 213 0.47 15.63 8.25
C TYR A 213 -0.88 15.02 7.86
N GLY A 214 -1.48 14.31 8.79
CA GLY A 214 -2.79 13.66 8.58
C GLY A 214 -2.80 12.81 7.32
N THR A 215 -1.65 12.25 6.97
CA THR A 215 -1.50 11.52 5.71
C THR A 215 -2.18 10.15 5.87
N THR A 216 -3.09 9.87 4.95
CA THR A 216 -4.02 8.75 5.07
C THR A 216 -4.15 8.12 3.70
N ASN A 217 -3.65 6.88 3.55
CA ASN A 217 -3.53 6.21 2.25
C ASN A 217 -4.19 4.83 2.27
N ASP A 218 -4.62 4.37 1.11
CA ASP A 218 -5.03 2.97 0.92
C ASP A 218 -4.88 2.64 -0.55
N ILE A 219 -4.38 1.43 -0.80
CA ILE A 219 -4.23 0.90 -2.15
C ILE A 219 -4.93 -0.45 -2.19
N ALA A 220 -5.72 -0.68 -3.24
CA ALA A 220 -6.60 -1.81 -3.27
C ALA A 220 -6.71 -2.42 -4.67
N VAL A 221 -6.90 -3.74 -4.64
CA VAL A 221 -7.43 -4.51 -5.76
CA VAL A 221 -7.44 -4.51 -5.77
C VAL A 221 -8.85 -4.96 -5.39
N ILE A 222 -9.81 -4.73 -6.30
CA ILE A 222 -11.23 -4.89 -6.06
C ILE A 222 -11.77 -5.88 -7.08
N TRP A 223 -12.47 -6.90 -6.60
CA TRP A 223 -13.10 -7.92 -7.46
C TRP A 223 -14.61 -7.77 -7.39
N PRO A 224 -15.23 -7.06 -8.30
CA PRO A 224 -16.70 -7.09 -8.33
C PRO A 224 -17.25 -8.48 -8.67
N GLU A 225 -18.55 -8.61 -8.48
CA GLU A 225 -19.21 -9.92 -8.52
C GLU A 225 -19.37 -10.46 -9.98
N ASN A 226 -19.58 -9.55 -10.93
CA ASN A 226 -19.93 -9.80 -12.32
C ASN A 226 -19.14 -8.92 -13.27
N HIS A 227 -17.95 -8.46 -12.87
CA HIS A 227 -17.11 -7.56 -13.66
C HIS A 227 -15.62 -7.87 -13.43
N ALA A 228 -14.80 -7.42 -14.35
CA ALA A 228 -13.36 -7.50 -14.22
C ALA A 228 -12.84 -6.67 -13.04
N PRO A 229 -11.65 -6.99 -12.53
CA PRO A 229 -11.11 -6.24 -11.38
C PRO A 229 -10.83 -4.78 -11.69
N LEU A 230 -10.81 -4.01 -10.60
CA LEU A 230 -10.42 -2.60 -10.58
C LEU A 230 -9.24 -2.49 -9.62
N VAL A 231 -8.27 -1.65 -9.97
CA VAL A 231 -7.20 -1.23 -9.08
C VAL A 231 -7.43 0.22 -8.66
N LEU A 232 -7.38 0.51 -7.37
CA LEU A 232 -7.61 1.85 -6.85
C LEU A 232 -6.57 2.25 -5.83
N VAL A 233 -6.04 3.46 -6.00
CA VAL A 233 -5.08 4.05 -5.09
C VAL A 233 -5.70 5.38 -4.66
N THR A 234 -5.87 5.56 -3.35
CA THR A 234 -6.32 6.82 -2.73
C THR A 234 -5.27 7.29 -1.71
N TYR A 235 -4.71 8.45 -1.96
CA TYR A 235 -3.76 9.13 -1.10
C TYR A 235 -4.36 10.47 -0.67
N PHE A 236 -4.04 10.86 0.54
CA PHE A 236 -4.57 12.08 1.10
C PHE A 236 -3.60 12.61 2.13
N THR A 237 -3.35 13.93 2.11
CA THR A 237 -2.42 14.52 3.03
C THR A 237 -2.88 15.96 3.30
N GLN A 238 -2.37 16.53 4.38
CA GLN A 238 -2.89 17.83 4.84
C GLN A 238 -1.78 18.76 5.26
N PRO A 239 -2.06 20.06 5.43
CA PRO A 239 -0.94 21.00 5.57
C PRO A 239 -0.42 21.19 6.98
N GLU A 240 -1.08 20.65 7.98
CA GLU A 240 -0.62 20.78 9.36
CA GLU A 240 -0.65 20.76 9.38
C GLU A 240 -0.07 19.44 9.87
N GLN A 241 1.10 19.51 10.50
CA GLN A 241 1.79 18.32 10.96
C GLN A 241 0.95 17.40 11.82
N LYS A 242 0.09 17.96 12.69
CA LYS A 242 -0.66 17.21 13.70
C LYS A 242 -2.11 16.99 13.29
N ALA A 243 -2.43 17.22 12.02
CA ALA A 243 -3.77 16.98 11.48
C ALA A 243 -4.24 15.55 11.78
N GLU A 244 -5.55 15.41 11.89
CA GLU A 244 -6.11 14.09 12.15
C GLU A 244 -6.09 13.28 10.84
N ASN A 245 -5.83 11.99 10.94
CA ASN A 245 -6.05 11.10 9.81
C ASN A 245 -7.52 10.98 9.44
N ARG A 246 -7.80 10.85 8.12
CA ARG A 246 -9.16 10.96 7.56
C ARG A 246 -9.45 9.73 6.68
N ASN A 247 -9.60 8.58 7.29
CA ASN A 247 -10.00 7.39 6.51
C ASN A 247 -11.31 7.60 5.82
N ASP A 248 -12.22 8.38 6.44
CA ASP A 248 -13.53 8.66 5.81
C ASP A 248 -13.41 9.39 4.46
N ILE A 249 -12.36 10.17 4.24
CA ILE A 249 -12.20 10.80 2.94
C ILE A 249 -11.87 9.76 1.86
N LEU A 250 -11.07 8.76 2.19
CA LEU A 250 -10.75 7.65 1.25
C LEU A 250 -12.00 6.89 0.89
N ALA A 251 -12.86 6.59 1.91
CA ALA A 251 -14.11 5.90 1.65
C ALA A 251 -14.99 6.70 0.72
N ALA A 252 -15.08 8.01 0.96
CA ALA A 252 -15.88 8.91 0.11
C ALA A 252 -15.36 8.94 -1.31
N ALA A 253 -14.03 9.06 -1.46
CA ALA A 253 -13.44 9.07 -2.80
C ALA A 253 -13.73 7.76 -3.54
N ALA A 254 -13.69 6.64 -2.83
CA ALA A 254 -13.91 5.35 -3.47
C ALA A 254 -15.36 5.21 -3.95
N LYS A 255 -16.30 5.72 -3.17
CA LYS A 255 -17.70 5.78 -3.55
C LYS A 255 -17.93 6.63 -4.81
N ILE A 256 -17.27 7.79 -4.90
CA ILE A 256 -17.38 8.64 -6.10
C ILE A 256 -16.85 7.95 -7.35
N VAL A 257 -15.68 7.31 -7.28
CA VAL A 257 -15.09 6.83 -8.53
C VAL A 257 -15.64 5.46 -8.94
N THR A 258 -16.32 4.77 -8.07
CA THR A 258 -16.92 3.48 -8.42
C THR A 258 -18.42 3.53 -8.68
N HIS A 259 -19.06 4.69 -8.56
CA HIS A 259 -20.41 4.95 -8.99
C HIS A 259 -20.49 4.66 -10.49
N GLY A 260 -21.10 3.52 -10.86
CA GLY A 260 -21.18 3.10 -12.26
C GLY A 260 -20.65 1.72 -12.57
N PHE A 261 -20.18 0.92 -11.60
CA PHE A 261 -19.40 -0.33 -11.85
C PHE A 261 -20.02 -1.61 -11.21
S SO4 B . -21.26 -6.46 -9.77
O1 SO4 B . -21.10 -7.17 -8.47
O2 SO4 B . -22.64 -6.71 -10.14
O3 SO4 B . -20.22 -7.00 -10.75
O4 SO4 B . -21.14 -5.02 -9.78
S SO4 C . -1.16 1.76 9.10
O1 SO4 C . -1.07 1.09 10.41
O2 SO4 C . -2.48 2.32 8.77
O3 SO4 C . -0.19 2.87 9.05
O4 SO4 C . -0.99 0.86 8.02
#